data_5W5Z
#
_entry.id   5W5Z
#
_cell.length_a   67.863
_cell.length_b   67.863
_cell.length_c   264.243
_cell.angle_alpha   90.00
_cell.angle_beta   90.00
_cell.angle_gamma   90.00
#
_symmetry.space_group_name_H-M   'P 41 21 2'
#
loop_
_entity.id
_entity.type
_entity.pdbx_description
1 polymer '3C10 Fab light chain'
2 polymer '3C10 Fab heavy chain'
3 polymer 'Apoptosis regulator BAX'
4 non-polymer 1,2-ETHANEDIOL
5 non-polymer 'TETRAETHYLENE GLYCOL'
6 non-polymer 'TRIETHYLENE GLYCOL'
7 non-polymer '2-(N-MORPHOLINO)-ETHANESULFONIC ACID'
8 water water
#
loop_
_entity_poly.entity_id
_entity_poly.type
_entity_poly.pdbx_seq_one_letter_code
_entity_poly.pdbx_strand_id
1 'polypeptide(L)'
;DIQMTQSPSFLSASVGDRVTINCKASQNVNKYLDWYQQNLGEPPKLLIYHTNSLPTGIPSRFSGSGSGTDFTLTISSLQV
EDVATYFCLQHDSGLTFGSGTKLEIKRADAAPTVSIFPPSMEQLTSGGATVVCFVNNFYPRDISVKWKIDGSEQRDGVLD
SVTDQDSKDSTYSMSSTLSLTKVEYERHNLYTCEVVHKTSSSPVVKSFNRNEC
;
L
2 'polypeptide(L)'
;(PCA)VQLQQSGAELVKPGSSVKISCKASGYTFTNYDMHWIKQRPGSGLEWIGWIYPGNGNTKYNQKFNGKATLTADKSS
TTAYMQLSSLTSEDSAVYFCVREGLGITFEYWGQGVKVTVSSAETTAPSVYPLAPGTALKSNSMVTLGCLVKGYFPEPVT
VTWNSGALSSGVHTFPAVLQSGLYTLTSSVTVPSSTWSSQAVTCNVAHPASSTKVDKKIVPRECNPCGCTGSEVSSVF
;
H
3 'polypeptide(L)'
;QDRAGRMGGEAPELALDPVPQDASTKKLSESLKRIGDELDSNMELQRMIAAVDTDSPREVFFRVAADMFSDGNFNWGRVV
ALFYFASKLVLKALSTKVPELIRTIMGWTLDFLRERLLGWIQDQGGWDGLLSYFGTGTWQTVTIFVAGVLTASLTIWKKM
GSS
;
A
#
loop_
_chem_comp.id
_chem_comp.type
_chem_comp.name
_chem_comp.formula
EDO non-polymer 1,2-ETHANEDIOL 'C2 H6 O2'
MES non-polymer '2-(N-MORPHOLINO)-ETHANESULFONIC ACID' 'C6 H13 N O4 S'
PG4 non-polymer 'TETRAETHYLENE GLYCOL' 'C8 H18 O5'
PGE non-polymer 'TRIETHYLENE GLYCOL' 'C6 H14 O4'
#
# COMPACT_ATOMS: atom_id res chain seq x y z
N ASP A 1 -14.36 9.24 12.29
CA ASP A 1 -13.87 9.50 10.95
C ASP A 1 -14.88 9.07 9.89
N ILE A 2 -14.72 9.58 8.68
CA ILE A 2 -15.65 9.28 7.60
C ILE A 2 -15.41 7.87 7.09
N GLN A 3 -16.48 7.09 6.95
CA GLN A 3 -16.41 5.70 6.54
C GLN A 3 -16.57 5.57 5.02
N MET A 4 -15.71 4.77 4.39
CA MET A 4 -15.76 4.54 2.94
C MET A 4 -16.20 3.11 2.69
N THR A 5 -17.32 2.94 1.98
CA THR A 5 -17.80 1.62 1.57
C THR A 5 -17.54 1.46 0.08
N GLN A 6 -16.61 0.57 -0.26
CA GLN A 6 -16.17 0.36 -1.62
C GLN A 6 -16.74 -0.96 -2.11
N SER A 7 -17.31 -0.97 -3.30
CA SER A 7 -17.79 -2.23 -3.85
C SER A 7 -17.73 -2.30 -5.38
N PRO A 8 -17.65 -3.53 -5.93
CA PRO A 8 -17.54 -4.82 -5.23
C PRO A 8 -16.14 -5.03 -4.70
N SER A 9 -15.95 -6.07 -3.89
CA SER A 9 -14.63 -6.40 -3.39
C SER A 9 -13.80 -7.15 -4.41
N PHE A 10 -14.44 -7.79 -5.39
CA PHE A 10 -13.78 -8.67 -6.36
C PHE A 10 -14.52 -8.52 -7.67
N LEU A 11 -13.79 -8.28 -8.76
CA LEU A 11 -14.40 -8.01 -10.05
C LEU A 11 -13.68 -8.82 -11.12
N SER A 12 -14.43 -9.58 -11.91
CA SER A 12 -13.89 -10.34 -13.03
C SER A 12 -14.33 -9.68 -14.33
N ALA A 13 -13.41 -9.55 -15.26
CA ALA A 13 -13.71 -8.86 -16.51
C ALA A 13 -12.69 -9.27 -17.56
N SER A 14 -13.01 -8.96 -18.80
CA SER A 14 -12.17 -9.33 -19.93
C SER A 14 -11.56 -8.08 -20.55
N VAL A 15 -10.45 -8.29 -21.26
CA VAL A 15 -9.88 -7.23 -22.08
C VAL A 15 -10.98 -6.67 -22.97
N GLY A 16 -11.08 -5.34 -23.02
CA GLY A 16 -12.12 -4.68 -23.78
C GLY A 16 -13.40 -4.39 -23.03
N ASP A 17 -13.56 -4.90 -21.80
CA ASP A 17 -14.77 -4.61 -21.04
C ASP A 17 -14.73 -3.20 -20.48
N ARG A 18 -15.91 -2.60 -20.35
CA ARG A 18 -16.08 -1.40 -19.54
C ARG A 18 -16.29 -1.82 -18.08
N VAL A 19 -15.45 -1.37 -17.17
CA VAL A 19 -15.52 -1.75 -15.77
C VAL A 19 -15.87 -0.53 -14.92
N THR A 20 -16.69 -0.72 -13.90
CA THR A 20 -17.01 0.36 -12.96
C THR A 20 -16.89 -0.16 -11.52
N ILE A 21 -16.29 0.66 -10.67
CA ILE A 21 -16.12 0.39 -9.25
C ILE A 21 -16.78 1.53 -8.49
N ASN A 22 -17.53 1.19 -7.45
CA ASN A 22 -18.30 2.15 -6.67
C ASN A 22 -17.67 2.41 -5.30
N CYS A 23 -17.86 3.62 -4.79
CA CYS A 23 -17.40 3.99 -3.45
C CYS A 23 -18.47 4.88 -2.81
N LYS A 24 -18.83 4.61 -1.56
CA LYS A 24 -19.83 5.39 -0.85
C LYS A 24 -19.23 5.92 0.45
N ALA A 25 -19.39 7.23 0.67
CA ALA A 25 -18.93 7.88 1.89
C ALA A 25 -20.09 8.02 2.86
N SER A 26 -19.80 7.87 4.16
CA SER A 26 -20.84 8.01 5.18
C SER A 26 -21.26 9.46 5.38
N GLN A 27 -20.55 10.42 4.81
CA GLN A 27 -21.06 11.78 4.74
C GLN A 27 -20.40 12.48 3.57
N ASN A 28 -20.96 13.63 3.20
CA ASN A 28 -20.53 14.36 2.01
C ASN A 28 -19.06 14.73 2.12
N VAL A 29 -18.29 14.36 1.11
CA VAL A 29 -16.86 14.73 1.09
C VAL A 29 -16.55 15.68 -0.06
N ASN A 30 -17.57 16.29 -0.66
CA ASN A 30 -17.40 17.26 -1.74
C ASN A 30 -16.72 16.54 -2.93
N LYS A 31 -15.79 17.18 -3.61
CA LYS A 31 -15.08 16.59 -4.73
C LYS A 31 -13.82 15.85 -4.30
N TYR A 32 -13.53 15.80 -2.99
CA TYR A 32 -12.21 15.39 -2.51
C TYR A 32 -12.16 13.87 -2.32
N LEU A 33 -12.13 13.18 -3.45
CA LEU A 33 -12.09 11.74 -3.48
C LEU A 33 -11.20 11.30 -4.64
N ASP A 34 -10.22 10.45 -4.36
CA ASP A 34 -9.26 9.98 -5.34
C ASP A 34 -9.42 8.48 -5.59
N TRP A 35 -8.83 8.00 -6.69
CA TRP A 35 -8.72 6.57 -6.95
C TRP A 35 -7.27 6.20 -7.20
N TYR A 36 -6.84 5.09 -6.59
CA TYR A 36 -5.49 4.56 -6.68
C TYR A 36 -5.51 3.15 -7.24
N GLN A 37 -4.47 2.79 -7.97
CA GLN A 37 -4.25 1.44 -8.44
C GLN A 37 -2.97 0.89 -7.79
N GLN A 38 -2.98 -0.38 -7.39
CA GLN A 38 -1.80 -0.95 -6.76
C GLN A 38 -1.54 -2.34 -7.30
N ASN A 39 -0.32 -2.57 -7.76
CA ASN A 39 0.19 -3.89 -8.10
C ASN A 39 1.07 -4.44 -6.98
N LEU A 40 1.22 -5.76 -6.97
CA LEU A 40 1.93 -6.43 -5.88
C LEU A 40 3.36 -5.91 -5.75
N GLY A 41 3.76 -5.57 -4.53
CA GLY A 41 5.10 -5.12 -4.26
C GLY A 41 5.38 -3.67 -4.58
N GLU A 42 4.37 -2.91 -4.99
CA GLU A 42 4.51 -1.53 -5.41
C GLU A 42 3.67 -0.62 -4.53
N PRO A 43 4.04 0.65 -4.43
CA PRO A 43 3.13 1.61 -3.83
C PRO A 43 1.94 1.82 -4.74
N PRO A 44 0.81 2.24 -4.18
CA PRO A 44 -0.32 2.68 -5.00
C PRO A 44 0.10 3.76 -5.99
N LYS A 45 -0.65 3.82 -7.09
CA LYS A 45 -0.48 4.80 -8.16
C LYS A 45 -1.77 5.62 -8.28
N LEU A 46 -1.62 6.94 -8.25
CA LEU A 46 -2.76 7.84 -8.47
C LEU A 46 -3.33 7.69 -9.88
N LEU A 47 -4.62 7.36 -9.97
CA LEU A 47 -5.31 7.26 -11.26
C LEU A 47 -6.24 8.44 -11.52
N ILE A 48 -7.01 8.84 -10.52
CA ILE A 48 -7.99 9.91 -10.61
C ILE A 48 -7.91 10.66 -9.29
N TYR A 49 -7.89 12.00 -9.35
CA TYR A 49 -7.96 12.81 -8.13
C TYR A 49 -9.06 13.86 -8.26
N HIS A 50 -9.58 14.29 -7.12
CA HIS A 50 -10.66 15.29 -7.07
C HIS A 50 -11.84 14.87 -7.95
N THR A 51 -12.29 13.63 -7.72
CA THR A 51 -13.43 13.00 -8.39
C THR A 51 -13.19 12.64 -9.86
N ASN A 52 -12.66 13.56 -10.68
CA ASN A 52 -12.60 13.25 -12.10
C ASN A 52 -11.38 13.78 -12.83
N SER A 53 -10.36 14.29 -12.16
CA SER A 53 -9.18 14.80 -12.88
C SER A 53 -8.19 13.66 -13.12
N LEU A 54 -7.58 13.68 -14.31
CA LEU A 54 -6.56 12.71 -14.73
C LEU A 54 -5.17 13.26 -14.48
N PRO A 55 -4.33 12.58 -13.70
CA PRO A 55 -2.92 13.00 -13.61
C PRO A 55 -2.22 12.80 -14.94
N THR A 56 -1.06 13.43 -15.06
CA THR A 56 -0.30 13.31 -16.27
C THR A 56 0.21 11.88 -16.42
N GLY A 57 0.21 11.38 -17.65
CA GLY A 57 0.65 10.04 -17.93
C GLY A 57 -0.37 8.94 -17.68
N ILE A 58 -1.57 9.24 -17.22
CA ILE A 58 -2.60 8.21 -16.98
C ILE A 58 -3.47 8.11 -18.22
N PRO A 59 -3.65 6.91 -18.79
CA PRO A 59 -4.41 6.81 -20.05
C PRO A 59 -5.84 7.25 -19.88
N SER A 60 -6.38 7.83 -20.95
CA SER A 60 -7.72 8.43 -20.93
C SER A 60 -8.83 7.41 -20.79
N ARG A 61 -8.54 6.10 -20.82
CA ARG A 61 -9.63 5.16 -20.57
C ARG A 61 -10.10 5.16 -19.11
N PHE A 62 -9.37 5.82 -18.22
CA PHE A 62 -9.80 5.97 -16.84
C PHE A 62 -10.61 7.24 -16.70
N SER A 63 -11.77 7.14 -16.07
CA SER A 63 -12.53 8.34 -15.71
C SER A 63 -13.26 8.12 -14.39
N GLY A 64 -13.65 9.21 -13.77
CA GLY A 64 -14.39 9.14 -12.52
C GLY A 64 -15.52 10.14 -12.53
N SER A 65 -16.54 9.87 -11.74
CA SER A 65 -17.64 10.80 -11.50
C SER A 65 -18.08 10.63 -10.06
N GLY A 66 -18.99 11.51 -9.62
CA GLY A 66 -19.44 11.46 -8.25
C GLY A 66 -20.34 12.61 -7.88
N SER A 67 -21.03 12.45 -6.76
N SER A 67 -21.03 12.48 -6.75
CA SER A 67 -22.00 13.43 -6.26
CA SER A 67 -21.98 13.49 -6.30
C SER A 67 -21.53 14.18 -5.02
C SER A 67 -21.63 14.08 -4.94
N GLY A 68 -20.51 13.66 -4.34
CA GLY A 68 -20.12 14.11 -3.01
C GLY A 68 -20.33 13.04 -1.96
N THR A 69 -21.28 12.12 -2.19
CA THR A 69 -21.47 10.95 -1.34
C THR A 69 -21.34 9.63 -2.09
N ASP A 70 -21.62 9.59 -3.39
CA ASP A 70 -21.55 8.38 -4.21
C ASP A 70 -20.60 8.63 -5.36
N PHE A 71 -19.64 7.72 -5.55
CA PHE A 71 -18.58 7.93 -6.52
C PHE A 71 -18.35 6.67 -7.34
N THR A 72 -17.86 6.85 -8.58
CA THR A 72 -17.54 5.71 -9.42
C THR A 72 -16.23 5.96 -10.16
N LEU A 73 -15.45 4.90 -10.29
CA LEU A 73 -14.32 4.85 -11.20
C LEU A 73 -14.71 3.97 -12.38
N THR A 74 -14.52 4.46 -13.60
CA THR A 74 -14.82 3.68 -14.79
C THR A 74 -13.57 3.47 -15.63
N ILE A 75 -13.36 2.23 -16.08
CA ILE A 75 -12.37 1.93 -17.12
C ILE A 75 -13.15 1.65 -18.41
N SER A 76 -12.92 2.48 -19.45
N SER A 76 -12.93 2.49 -19.43
CA SER A 76 -13.76 2.39 -20.64
CA SER A 76 -13.74 2.40 -20.63
C SER A 76 -13.52 1.10 -21.42
C SER A 76 -13.52 1.11 -21.40
N SER A 77 -12.29 0.58 -21.40
CA SER A 77 -11.95 -0.62 -22.16
C SER A 77 -10.74 -1.26 -21.49
N LEU A 78 -10.99 -2.30 -20.70
CA LEU A 78 -9.96 -2.84 -19.82
C LEU A 78 -8.75 -3.32 -20.62
N GLN A 79 -7.55 -3.02 -20.13
CA GLN A 79 -6.34 -3.61 -20.71
C GLN A 79 -5.65 -4.50 -19.68
N VAL A 80 -4.82 -5.40 -20.20
CA VAL A 80 -4.10 -6.38 -19.37
C VAL A 80 -3.43 -5.70 -18.18
N GLU A 81 -2.77 -4.57 -18.42
CA GLU A 81 -2.04 -3.95 -17.33
C GLU A 81 -2.95 -3.30 -16.31
N ASP A 82 -4.28 -3.32 -16.50
CA ASP A 82 -5.19 -2.77 -15.51
C ASP A 82 -5.57 -3.78 -14.44
N VAL A 83 -5.16 -5.05 -14.59
CA VAL A 83 -5.40 -6.04 -13.54
C VAL A 83 -4.59 -5.66 -12.30
N ALA A 84 -5.28 -5.43 -11.19
CA ALA A 84 -4.67 -4.92 -9.98
C ALA A 84 -5.72 -4.75 -8.91
N THR A 85 -5.34 -4.13 -7.80
CA THR A 85 -6.27 -3.74 -6.75
C THR A 85 -6.47 -2.24 -6.78
N TYR A 86 -7.70 -1.80 -6.58
CA TYR A 86 -8.09 -0.39 -6.71
C TYR A 86 -8.65 0.09 -5.38
N PHE A 87 -8.28 1.30 -4.97
CA PHE A 87 -8.72 1.86 -3.70
C PHE A 87 -9.26 3.27 -3.90
N CYS A 88 -10.38 3.60 -3.26
CA CYS A 88 -10.75 5.01 -3.20
C CYS A 88 -10.19 5.64 -1.93
N LEU A 89 -10.13 6.97 -1.93
CA LEU A 89 -9.59 7.71 -0.79
C LEU A 89 -10.37 9.01 -0.66
N GLN A 90 -11.00 9.24 0.49
CA GLN A 90 -11.56 10.57 0.74
C GLN A 90 -10.56 11.40 1.55
N HIS A 91 -10.45 12.68 1.20
CA HIS A 91 -9.56 13.57 1.93
C HIS A 91 -10.20 14.93 2.20
N ASP A 92 -11.53 14.96 2.35
CA ASP A 92 -12.20 16.19 2.74
C ASP A 92 -12.02 16.50 4.24
N SER A 93 -12.12 15.48 5.10
CA SER A 93 -11.98 15.66 6.53
C SER A 93 -11.27 14.45 7.08
N GLY A 94 -10.02 14.63 7.53
CA GLY A 94 -9.21 13.43 7.74
C GLY A 94 -8.98 12.74 6.39
N LEU A 95 -8.39 11.54 6.45
CA LEU A 95 -8.20 10.72 5.25
C LEU A 95 -8.62 9.28 5.53
N THR A 96 -9.48 8.75 4.65
CA THR A 96 -10.00 7.41 4.78
C THR A 96 -9.95 6.73 3.42
N PHE A 97 -9.36 5.53 3.37
CA PHE A 97 -9.37 4.68 2.19
C PHE A 97 -10.52 3.68 2.21
N GLY A 98 -11.05 3.36 1.02
CA GLY A 98 -11.93 2.22 0.91
C GLY A 98 -11.15 0.94 1.12
N SER A 99 -11.87 -0.19 1.24
CA SER A 99 -11.20 -1.45 1.57
C SER A 99 -10.63 -2.18 0.35
N GLY A 100 -10.93 -1.75 -0.87
CA GLY A 100 -10.25 -2.25 -2.04
C GLY A 100 -11.14 -3.08 -2.94
N THR A 101 -10.83 -3.09 -4.24
CA THR A 101 -11.46 -3.96 -5.23
C THR A 101 -10.36 -4.69 -5.97
N LYS A 102 -10.35 -6.02 -5.90
CA LYS A 102 -9.38 -6.76 -6.68
C LYS A 102 -10.02 -7.07 -8.03
N LEU A 103 -9.29 -6.73 -9.09
CA LEU A 103 -9.75 -6.90 -10.46
C LEU A 103 -8.96 -8.03 -11.11
N GLU A 104 -9.64 -9.09 -11.49
CA GLU A 104 -9.01 -10.23 -12.15
C GLU A 104 -9.48 -10.32 -13.60
N ILE A 105 -8.72 -11.08 -14.41
CA ILE A 105 -9.12 -11.37 -15.77
C ILE A 105 -9.97 -12.63 -15.79
N LYS A 106 -11.04 -12.60 -16.56
CA LYS A 106 -11.85 -13.79 -16.79
C LYS A 106 -11.26 -14.66 -17.90
N ARG A 107 -11.41 -15.98 -17.76
CA ARG A 107 -11.02 -16.93 -18.79
C ARG A 107 -11.99 -18.11 -18.73
N ALA A 108 -11.82 -19.04 -19.66
CA ALA A 108 -12.60 -20.27 -19.63
C ALA A 108 -12.30 -21.04 -18.35
N ASP A 109 -13.27 -21.82 -17.89
CA ASP A 109 -13.07 -22.67 -16.72
C ASP A 109 -11.86 -23.58 -16.88
N ALA A 110 -11.18 -23.86 -15.78
CA ALA A 110 -10.02 -24.74 -15.80
C ALA A 110 -10.06 -25.57 -14.54
N ALA A 111 -10.12 -26.90 -14.70
CA ALA A 111 -10.14 -27.85 -13.61
C ALA A 111 -8.73 -27.99 -13.04
N PRO A 112 -8.55 -27.95 -11.72
CA PRO A 112 -7.20 -28.03 -11.18
C PRO A 112 -6.60 -29.42 -11.36
N THR A 113 -5.27 -29.47 -11.45
CA THR A 113 -4.58 -30.74 -11.28
C THR A 113 -4.23 -30.85 -9.80
N VAL A 114 -4.71 -31.90 -9.15
CA VAL A 114 -4.54 -32.07 -7.72
C VAL A 114 -3.50 -33.16 -7.48
N SER A 115 -2.54 -32.89 -6.60
CA SER A 115 -1.46 -33.83 -6.26
C SER A 115 -1.27 -33.83 -4.75
N ILE A 116 -1.19 -35.02 -4.17
CA ILE A 116 -0.95 -35.19 -2.74
C ILE A 116 0.40 -35.87 -2.54
N PHE A 117 1.06 -35.58 -1.41
CA PHE A 117 2.39 -36.08 -1.12
C PHE A 117 2.52 -36.48 0.35
N PRO A 118 2.87 -37.73 0.65
CA PRO A 118 3.18 -38.11 2.04
C PRO A 118 4.41 -37.38 2.55
N PRO A 119 4.61 -37.32 3.86
CA PRO A 119 5.86 -36.75 4.38
C PRO A 119 7.06 -37.56 3.89
N SER A 120 8.18 -36.86 3.75
CA SER A 120 9.40 -37.54 3.31
C SER A 120 10.10 -38.22 4.47
N MET A 121 10.91 -39.23 4.13
CA MET A 121 11.78 -39.87 5.12
C MET A 121 12.63 -38.83 5.85
N GLU A 122 13.16 -37.85 5.12
CA GLU A 122 13.98 -36.83 5.77
C GLU A 122 13.20 -36.08 6.83
N GLN A 123 11.91 -35.87 6.62
CA GLN A 123 11.14 -35.19 7.66
C GLN A 123 10.78 -36.14 8.80
N LEU A 124 10.41 -37.39 8.50
CA LEU A 124 9.91 -38.27 9.55
C LEU A 124 10.96 -38.54 10.63
N THR A 125 12.23 -38.61 10.26
CA THR A 125 13.25 -38.84 11.28
C THR A 125 13.39 -37.67 12.24
N SER A 126 12.83 -36.51 11.89
CA SER A 126 12.84 -35.37 12.81
C SER A 126 11.73 -35.45 13.86
N GLY A 127 10.86 -36.45 13.77
CA GLY A 127 9.73 -36.54 14.66
C GLY A 127 8.49 -35.79 14.21
N GLY A 128 8.56 -35.11 13.07
CA GLY A 128 7.41 -34.38 12.55
C GLY A 128 6.94 -34.90 11.21
N ALA A 129 5.71 -34.58 10.82
CA ALA A 129 5.19 -35.05 9.54
C ALA A 129 4.27 -33.98 8.96
N THR A 130 4.48 -33.66 7.68
CA THR A 130 3.68 -32.68 6.96
C THR A 130 3.24 -33.33 5.66
N VAL A 131 1.92 -33.46 5.48
CA VAL A 131 1.37 -33.95 4.23
C VAL A 131 1.06 -32.74 3.36
N VAL A 132 1.21 -32.88 2.05
CA VAL A 132 1.15 -31.73 1.16
C VAL A 132 0.22 -32.03 -0.01
N CYS A 133 -0.55 -31.02 -0.42
CA CYS A 133 -1.49 -31.11 -1.52
C CYS A 133 -1.34 -29.87 -2.38
N PHE A 134 -1.11 -30.05 -3.68
CA PHE A 134 -1.09 -28.95 -4.62
C PHE A 134 -2.37 -29.00 -5.46
N VAL A 135 -2.92 -27.81 -5.71
CA VAL A 135 -4.17 -27.63 -6.44
C VAL A 135 -3.86 -26.54 -7.47
N ASN A 136 -3.40 -26.94 -8.67
CA ASN A 136 -2.73 -26.02 -9.59
C ASN A 136 -3.50 -25.75 -10.87
N ASN A 137 -3.40 -24.50 -11.34
CA ASN A 137 -3.97 -24.04 -12.61
C ASN A 137 -5.48 -24.24 -12.65
N PHE A 138 -6.18 -23.60 -11.73
CA PHE A 138 -7.63 -23.63 -11.76
C PHE A 138 -8.21 -22.23 -11.98
N TYR A 139 -9.42 -22.22 -12.53
CA TYR A 139 -10.21 -21.01 -12.70
C TYR A 139 -11.68 -21.44 -12.77
N PRO A 140 -12.59 -20.74 -12.10
CA PRO A 140 -12.40 -19.47 -11.35
C PRO A 140 -11.80 -19.63 -9.97
N ARG A 141 -11.73 -18.51 -9.27
CA ARG A 141 -10.97 -18.41 -8.02
C ARG A 141 -11.62 -19.21 -6.90
N ASP A 142 -12.94 -19.18 -6.82
CA ASP A 142 -13.65 -19.79 -5.70
C ASP A 142 -13.35 -21.29 -5.63
N ILE A 143 -12.92 -21.75 -4.46
CA ILE A 143 -12.46 -23.12 -4.32
C ILE A 143 -12.40 -23.46 -2.84
N SER A 144 -12.58 -24.74 -2.53
CA SER A 144 -12.51 -25.23 -1.16
C SER A 144 -11.59 -26.46 -1.13
N VAL A 145 -10.69 -26.49 -0.16
CA VAL A 145 -9.74 -27.58 -0.01
C VAL A 145 -9.83 -28.08 1.42
N LYS A 146 -10.06 -29.39 1.58
CA LYS A 146 -10.16 -30.01 2.89
C LYS A 146 -9.31 -31.27 2.95
N TRP A 147 -8.80 -31.54 4.13
CA TRP A 147 -8.08 -32.76 4.41
C TRP A 147 -8.97 -33.75 5.15
N LYS A 148 -8.90 -35.01 4.75
CA LYS A 148 -9.52 -36.09 5.49
C LYS A 148 -8.49 -37.12 5.88
N ILE A 149 -8.61 -37.63 7.10
CA ILE A 149 -7.77 -38.71 7.59
C ILE A 149 -8.67 -39.86 7.94
N ASP A 150 -8.42 -41.02 7.32
CA ASP A 150 -9.23 -42.22 7.48
C ASP A 150 -10.71 -41.88 7.47
N GLY A 151 -11.12 -41.01 6.54
CA GLY A 151 -12.52 -40.65 6.36
C GLY A 151 -12.96 -39.42 7.12
N SER A 152 -12.24 -38.99 8.16
CA SER A 152 -12.70 -37.90 9.01
C SER A 152 -11.94 -36.62 8.70
N GLU A 153 -12.63 -35.50 8.79
CA GLU A 153 -12.04 -34.23 8.35
C GLU A 153 -11.11 -33.66 9.40
N GLN A 154 -10.03 -33.04 8.95
CA GLN A 154 -9.00 -32.47 9.82
C GLN A 154 -8.87 -30.97 9.55
N ARG A 155 -9.03 -30.17 10.60
CA ARG A 155 -8.79 -28.73 10.50
C ARG A 155 -7.52 -28.26 11.22
N ASP A 156 -7.13 -28.91 12.31
CA ASP A 156 -5.97 -28.46 13.07
C ASP A 156 -4.70 -28.86 12.37
N GLY A 157 -3.70 -27.96 12.38
CA GLY A 157 -2.47 -28.17 11.65
C GLY A 157 -2.54 -27.87 10.15
N VAL A 158 -3.65 -27.33 9.66
CA VAL A 158 -3.83 -27.08 8.23
C VAL A 158 -3.54 -25.61 7.93
N LEU A 159 -2.61 -25.38 6.99
CA LEU A 159 -2.30 -24.07 6.44
C LEU A 159 -2.34 -24.11 4.92
N ASP A 160 -2.96 -23.11 4.30
CA ASP A 160 -3.02 -23.08 2.85
C ASP A 160 -2.65 -21.70 2.31
N SER A 161 -2.16 -21.70 1.08
CA SER A 161 -1.63 -20.50 0.43
C SER A 161 -2.09 -20.49 -1.03
N VAL A 162 -2.38 -19.31 -1.57
CA VAL A 162 -2.81 -19.20 -2.96
C VAL A 162 -1.95 -18.19 -3.71
N THR A 163 -1.50 -18.58 -4.89
CA THR A 163 -0.81 -17.67 -5.78
C THR A 163 -1.78 -16.60 -6.29
N ASP A 164 -1.22 -15.50 -6.76
CA ASP A 164 -2.04 -14.57 -7.52
C ASP A 164 -2.27 -15.12 -8.93
N GLN A 165 -3.16 -14.44 -9.66
CA GLN A 165 -3.52 -14.91 -11.00
C GLN A 165 -2.30 -14.91 -11.90
N ASP A 166 -1.99 -16.08 -12.47
CA ASP A 166 -0.81 -16.24 -13.31
C ASP A 166 -0.94 -15.44 -14.60
N SER A 167 0.10 -14.69 -14.94
CA SER A 167 0.09 -13.94 -16.18
C SER A 167 0.04 -14.86 -17.39
N LYS A 168 0.60 -16.07 -17.27
CA LYS A 168 0.74 -16.95 -18.43
C LYS A 168 -0.61 -17.50 -18.87
N ASP A 169 -1.42 -17.99 -17.93
CA ASP A 169 -2.69 -18.61 -18.30
C ASP A 169 -3.89 -18.08 -17.50
N SER A 170 -3.72 -17.01 -16.72
CA SER A 170 -4.80 -16.41 -15.94
C SER A 170 -5.42 -17.38 -14.92
N THR A 171 -4.67 -18.36 -14.45
CA THR A 171 -5.21 -19.32 -13.50
C THR A 171 -4.62 -19.05 -12.11
N TYR A 172 -5.20 -19.72 -11.13
CA TYR A 172 -4.72 -19.72 -9.77
C TYR A 172 -4.15 -21.09 -9.42
N SER A 173 -3.25 -21.10 -8.45
CA SER A 173 -2.78 -22.34 -7.87
C SER A 173 -2.77 -22.17 -6.35
N MET A 174 -2.97 -23.28 -5.68
CA MET A 174 -3.09 -23.29 -4.23
C MET A 174 -2.31 -24.46 -3.68
N SER A 175 -1.69 -24.25 -2.52
CA SER A 175 -0.93 -25.26 -1.80
C SER A 175 -1.51 -25.39 -0.41
N SER A 176 -1.80 -26.62 0.02
CA SER A 176 -2.25 -26.83 1.39
C SER A 176 -1.36 -27.87 2.05
N THR A 177 -1.03 -27.63 3.32
CA THR A 177 -0.16 -28.50 4.10
C THR A 177 -0.87 -28.85 5.40
N LEU A 178 -0.74 -30.12 5.80
CA LEU A 178 -1.29 -30.65 7.04
C LEU A 178 -0.12 -31.14 7.87
N SER A 179 0.05 -30.59 9.07
CA SER A 179 1.18 -30.95 9.90
C SER A 179 0.75 -31.74 11.12
N LEU A 180 1.53 -32.77 11.43
CA LEU A 180 1.26 -33.72 12.49
C LEU A 180 2.60 -34.17 13.07
N THR A 181 2.53 -34.72 14.27
CA THR A 181 3.69 -35.44 14.79
C THR A 181 3.85 -36.74 14.03
N LYS A 182 5.10 -37.24 13.98
CA LYS A 182 5.34 -38.55 13.39
C LYS A 182 4.46 -39.61 14.04
N VAL A 183 4.32 -39.56 15.38
CA VAL A 183 3.54 -40.58 16.08
C VAL A 183 2.08 -40.54 15.65
N GLU A 184 1.49 -39.33 15.59
CA GLU A 184 0.10 -39.24 15.19
C GLU A 184 -0.08 -39.63 13.73
N TYR A 185 0.86 -39.23 12.88
CA TYR A 185 0.81 -39.65 11.49
C TYR A 185 0.80 -41.16 11.36
N GLU A 186 1.64 -41.85 12.14
CA GLU A 186 1.76 -43.29 11.97
C GLU A 186 0.60 -44.08 12.58
N ARG A 187 -0.33 -43.41 13.25
CA ARG A 187 -1.53 -44.09 13.74
C ARG A 187 -2.62 -44.23 12.68
N HIS A 188 -2.46 -43.61 11.51
CA HIS A 188 -3.52 -43.57 10.49
C HIS A 188 -3.04 -44.19 9.20
N ASN A 189 -4.00 -44.55 8.35
CA ASN A 189 -3.72 -45.21 7.09
C ASN A 189 -3.96 -44.30 5.88
N LEU A 190 -5.18 -43.80 5.72
CA LEU A 190 -5.60 -43.10 4.50
C LEU A 190 -5.57 -41.60 4.72
N TYR A 191 -4.86 -40.89 3.83
CA TYR A 191 -4.83 -39.43 3.83
C TYR A 191 -5.41 -38.92 2.52
N THR A 192 -6.29 -37.92 2.62
CA THR A 192 -7.07 -37.46 1.48
C THR A 192 -7.07 -35.94 1.39
N CYS A 193 -6.83 -35.44 0.18
CA CYS A 193 -7.03 -34.05 -0.18
C CYS A 193 -8.31 -34.00 -1.01
N GLU A 194 -9.27 -33.17 -0.60
CA GLU A 194 -10.57 -33.10 -1.24
C GLU A 194 -10.85 -31.68 -1.70
N VAL A 195 -11.20 -31.52 -2.97
CA VAL A 195 -11.26 -30.21 -3.61
C VAL A 195 -12.64 -30.01 -4.20
N VAL A 196 -13.32 -28.94 -3.78
CA VAL A 196 -14.63 -28.55 -4.28
C VAL A 196 -14.46 -27.36 -5.22
N HIS A 197 -14.83 -27.55 -6.49
CA HIS A 197 -14.61 -26.54 -7.51
C HIS A 197 -15.69 -26.67 -8.58
N LYS A 198 -16.05 -25.54 -9.20
CA LYS A 198 -17.11 -25.50 -10.21
C LYS A 198 -16.89 -26.52 -11.34
N THR A 199 -15.64 -26.86 -11.64
CA THR A 199 -15.34 -27.75 -12.76
C THR A 199 -15.68 -29.22 -12.51
N SER A 200 -16.12 -29.59 -11.31
CA SER A 200 -16.57 -30.95 -11.11
C SER A 200 -17.82 -30.95 -10.26
N SER A 201 -18.70 -31.94 -10.50
CA SER A 201 -19.97 -31.92 -9.77
C SER A 201 -19.83 -32.51 -8.39
N SER A 202 -18.99 -33.52 -8.22
CA SER A 202 -18.60 -34.01 -6.91
C SER A 202 -17.18 -33.56 -6.60
N PRO A 203 -16.79 -33.54 -5.32
CA PRO A 203 -15.44 -33.05 -4.98
C PRO A 203 -14.35 -33.93 -5.59
N VAL A 204 -13.25 -33.30 -5.99
CA VAL A 204 -12.09 -34.05 -6.46
C VAL A 204 -11.37 -34.60 -5.24
N VAL A 205 -10.93 -35.86 -5.32
CA VAL A 205 -10.31 -36.55 -4.20
C VAL A 205 -9.02 -37.21 -4.67
N LYS A 206 -7.90 -36.87 -4.02
CA LYS A 206 -6.64 -37.57 -4.22
C LYS A 206 -6.19 -38.10 -2.87
N SER A 207 -5.74 -39.35 -2.87
CA SER A 207 -5.44 -40.03 -1.62
C SER A 207 -4.17 -40.84 -1.77
N PHE A 208 -3.62 -41.23 -0.63
CA PHE A 208 -2.61 -42.27 -0.58
C PHE A 208 -2.84 -43.06 0.70
N ASN A 209 -2.41 -44.31 0.70
CA ASN A 209 -2.42 -45.16 1.88
C ASN A 209 -1.01 -45.21 2.44
N ARG A 210 -0.87 -45.01 3.75
CA ARG A 210 0.47 -44.99 4.34
C ARG A 210 1.16 -46.34 4.27
N ASN A 211 0.41 -47.43 4.04
CA ASN A 211 1.02 -48.75 3.90
C ASN A 211 2.04 -48.77 2.76
N GLU A 212 1.59 -48.44 1.56
CA GLU A 212 2.46 -48.47 0.37
C GLU A 212 3.61 -47.47 0.50
N PCA B 1 12.47 14.28 -12.43
CA PCA B 1 11.83 13.19 -11.70
CB PCA B 1 12.46 11.83 -12.05
CG PCA B 1 13.60 12.12 -12.99
CD PCA B 1 13.54 13.61 -13.19
OE PCA B 1 14.30 14.22 -13.94
C PCA B 1 11.90 13.42 -10.20
O PCA B 1 12.97 13.55 -9.61
N VAL B 2 10.72 13.51 -9.60
CA VAL B 2 10.59 13.44 -8.15
C VAL B 2 10.84 12.01 -7.74
N GLN B 3 11.65 11.79 -6.70
CA GLN B 3 11.87 10.45 -6.15
C GLN B 3 11.77 10.51 -4.63
N LEU B 4 11.09 9.52 -4.06
CA LEU B 4 11.05 9.34 -2.61
C LEU B 4 11.68 7.98 -2.32
N GLN B 5 12.82 7.99 -1.62
CA GLN B 5 13.56 6.77 -1.37
C GLN B 5 13.54 6.49 0.12
N GLN B 6 12.98 5.37 0.51
CA GLN B 6 12.83 5.03 1.90
C GLN B 6 13.88 4.03 2.35
N SER B 7 14.17 4.07 3.65
CA SER B 7 15.00 3.06 4.28
C SER B 7 14.61 2.96 5.75
N GLY B 8 14.72 1.75 6.29
CA GLY B 8 14.42 1.53 7.68
C GLY B 8 14.59 0.06 8.02
N ALA B 9 14.84 -0.18 9.30
CA ALA B 9 14.96 -1.55 9.80
C ALA B 9 13.66 -2.31 9.57
N GLU B 10 13.79 -3.56 9.13
CA GLU B 10 12.66 -4.37 8.73
C GLU B 10 12.32 -5.49 9.69
N LEU B 11 13.22 -5.81 10.63
N LEU B 11 13.22 -5.83 10.63
CA LEU B 11 13.02 -6.87 11.62
CA LEU B 11 12.97 -6.86 11.62
C LEU B 11 13.31 -6.30 13.00
C LEU B 11 13.29 -6.30 13.00
N VAL B 12 12.29 -6.25 13.86
CA VAL B 12 12.42 -5.67 15.19
C VAL B 12 11.72 -6.57 16.20
N LYS B 13 12.24 -6.58 17.45
CA LYS B 13 11.62 -7.34 18.52
C LYS B 13 10.45 -6.55 19.11
N PRO B 14 9.39 -7.23 19.56
CA PRO B 14 8.27 -6.52 20.18
C PRO B 14 8.74 -5.63 21.32
N GLY B 15 8.12 -4.45 21.43
CA GLY B 15 8.42 -3.51 22.48
C GLY B 15 9.49 -2.48 22.16
N SER B 16 10.39 -2.77 21.21
CA SER B 16 11.39 -1.79 20.83
C SER B 16 10.76 -0.78 19.87
N SER B 17 11.58 0.06 19.24
CA SER B 17 11.09 1.10 18.35
C SER B 17 11.82 0.99 17.02
N VAL B 18 11.42 1.82 16.05
CA VAL B 18 12.03 1.76 14.73
C VAL B 18 11.88 3.13 14.07
N LYS B 19 12.89 3.51 13.30
CA LYS B 19 12.92 4.80 12.63
C LYS B 19 12.93 4.56 11.13
N ILE B 20 11.93 5.10 10.42
CA ILE B 20 11.83 5.00 8.97
C ILE B 20 12.23 6.34 8.35
N SER B 21 13.09 6.30 7.36
CA SER B 21 13.48 7.51 6.66
C SER B 21 12.89 7.53 5.26
N CYS B 22 12.71 8.74 4.74
CA CYS B 22 12.15 8.99 3.41
C CYS B 22 12.95 10.15 2.81
N LYS B 23 13.91 9.82 1.97
CA LYS B 23 14.77 10.83 1.37
C LYS B 23 14.14 11.34 0.09
N ALA B 24 13.81 12.63 0.06
CA ALA B 24 13.18 13.24 -1.10
C ALA B 24 14.26 13.83 -1.99
N SER B 25 14.08 13.72 -3.31
CA SER B 25 14.97 14.42 -4.22
C SER B 25 14.16 14.84 -5.45
N GLY B 26 14.72 15.81 -6.17
CA GLY B 26 14.13 16.30 -7.40
C GLY B 26 13.07 17.36 -7.26
N TYR B 27 12.90 17.94 -6.07
CA TYR B 27 12.01 19.08 -5.91
C TYR B 27 12.42 19.85 -4.65
N THR B 28 11.79 21.01 -4.47
CA THR B 28 12.05 21.82 -3.28
C THR B 28 11.29 21.21 -2.10
N PHE B 29 12.03 20.57 -1.19
CA PHE B 29 11.46 19.77 -0.11
C PHE B 29 10.51 20.54 0.80
N THR B 30 10.76 21.82 1.02
CA THR B 30 9.98 22.59 1.99
C THR B 30 8.71 23.21 1.38
N ASN B 31 8.37 22.87 0.14
CA ASN B 31 7.17 23.38 -0.50
C ASN B 31 5.99 22.41 -0.48
N TYR B 32 6.14 21.22 0.12
CA TYR B 32 5.12 20.18 0.03
C TYR B 32 4.95 19.42 1.35
N ASP B 33 3.71 19.20 1.75
CA ASP B 33 3.44 18.30 2.87
C ASP B 33 3.79 16.86 2.53
N MET B 34 4.39 16.17 3.48
CA MET B 34 4.72 14.77 3.36
C MET B 34 3.81 14.00 4.29
N HIS B 35 3.08 13.02 3.74
CA HIS B 35 2.21 12.14 4.52
C HIS B 35 2.83 10.75 4.65
N TRP B 36 2.32 9.98 5.63
CA TRP B 36 2.74 8.61 5.90
C TRP B 36 1.54 7.69 5.95
N ILE B 37 1.69 6.50 5.35
CA ILE B 37 0.60 5.58 5.11
C ILE B 37 1.03 4.19 5.59
N LYS B 38 0.12 3.51 6.28
CA LYS B 38 0.32 2.13 6.71
C LYS B 38 -0.53 1.20 5.86
N GLN B 39 0.04 0.06 5.47
CA GLN B 39 -0.73 -0.97 4.78
C GLN B 39 -0.45 -2.35 5.37
N ARG B 40 -1.50 -3.04 5.79
CA ARG B 40 -1.35 -4.42 6.21
C ARG B 40 -2.66 -5.15 5.99
N PRO B 41 -2.63 -6.47 5.80
CA PRO B 41 -3.86 -7.20 5.53
C PRO B 41 -4.81 -7.14 6.71
N GLY B 42 -6.10 -7.20 6.41
CA GLY B 42 -7.14 -7.14 7.43
C GLY B 42 -7.43 -5.72 7.84
N SER B 43 -6.37 -4.93 8.02
CA SER B 43 -6.49 -3.54 8.41
C SER B 43 -6.52 -2.59 7.23
N GLY B 44 -5.98 -2.99 6.08
CA GLY B 44 -6.05 -2.17 4.88
C GLY B 44 -5.05 -1.03 4.85
N LEU B 45 -5.37 0.01 4.08
CA LEU B 45 -4.56 1.21 3.99
C LEU B 45 -5.07 2.22 5.00
N GLU B 46 -4.16 2.80 5.76
CA GLU B 46 -4.49 3.76 6.80
C GLU B 46 -3.56 4.95 6.73
N TRP B 47 -4.14 6.13 6.88
CA TRP B 47 -3.37 7.36 6.98
C TRP B 47 -2.85 7.55 8.40
N ILE B 48 -1.53 7.73 8.53
CA ILE B 48 -0.89 7.95 9.82
C ILE B 48 -0.89 9.42 10.20
N GLY B 49 -0.39 10.26 9.31
CA GLY B 49 -0.33 11.70 9.56
C GLY B 49 0.47 12.38 8.48
N TRP B 50 0.58 13.70 8.60
CA TRP B 50 1.46 14.48 7.72
C TRP B 50 2.38 15.38 8.50
N ILE B 51 3.47 15.75 7.85
CA ILE B 51 4.36 16.81 8.33
C ILE B 51 4.62 17.78 7.19
N TYR B 52 4.63 19.07 7.51
CA TYR B 52 5.02 20.09 6.57
C TYR B 52 6.47 20.46 6.83
N PRO B 53 7.42 20.13 5.94
CA PRO B 53 8.83 20.47 6.21
C PRO B 53 9.10 21.96 6.25
N GLY B 54 8.21 22.81 5.72
CA GLY B 54 8.44 24.24 5.75
C GLY B 54 8.53 24.81 7.17
N ASN B 55 7.90 24.15 8.15
CA ASN B 55 7.94 24.61 9.52
C ASN B 55 7.93 23.49 10.56
N GLY B 56 7.93 22.22 10.17
CA GLY B 56 7.88 21.12 11.11
C GLY B 56 6.52 20.84 11.72
N ASN B 57 5.48 21.58 11.31
CA ASN B 57 4.12 21.31 11.75
C ASN B 57 3.69 19.90 11.37
N THR B 58 2.93 19.25 12.26
CA THR B 58 2.46 17.90 12.04
C THR B 58 0.98 17.80 12.38
N LYS B 59 0.38 16.73 11.90
CA LYS B 59 -0.99 16.39 12.19
C LYS B 59 -1.05 14.88 12.14
N TYR B 60 -1.69 14.29 13.13
CA TYR B 60 -1.69 12.85 13.29
C TYR B 60 -3.11 12.32 13.24
N ASN B 61 -3.26 11.15 12.64
CA ASN B 61 -4.48 10.37 12.83
C ASN B 61 -4.60 9.97 14.31
N GLN B 62 -5.76 10.28 14.92
CA GLN B 62 -5.99 9.97 16.32
C GLN B 62 -5.49 8.58 16.69
N LYS B 63 -5.82 7.60 15.85
CA LYS B 63 -5.42 6.22 16.08
C LYS B 63 -3.90 6.06 16.18
N PHE B 64 -3.13 7.02 15.68
CA PHE B 64 -1.68 6.90 15.72
C PHE B 64 -1.00 7.96 16.60
N ASN B 65 -1.76 8.80 17.30
CA ASN B 65 -1.19 9.69 18.28
C ASN B 65 -0.41 8.90 19.32
N GLY B 66 0.88 9.19 19.46
CA GLY B 66 1.74 8.51 20.41
C GLY B 66 2.49 7.33 19.86
N LYS B 67 1.87 6.58 18.94
CA LYS B 67 2.57 5.47 18.31
C LYS B 67 3.60 5.96 17.29
N ALA B 68 3.35 7.09 16.65
CA ALA B 68 4.17 7.57 15.55
C ALA B 68 4.63 8.99 15.84
N THR B 69 5.89 9.27 15.50
CA THR B 69 6.45 10.61 15.62
C THR B 69 7.03 10.99 14.27
N LEU B 70 6.57 12.10 13.71
CA LEU B 70 7.02 12.55 12.40
C LEU B 70 7.92 13.77 12.56
N THR B 71 9.07 13.74 11.89
CA THR B 71 10.03 14.83 11.88
C THR B 71 10.54 15.01 10.45
N ALA B 72 11.10 16.20 10.19
CA ALA B 72 11.69 16.50 8.90
C ALA B 72 12.97 17.31 9.11
N ASP B 73 13.97 17.04 8.29
CA ASP B 73 15.19 17.84 8.27
C ASP B 73 15.32 18.47 6.89
N LYS B 74 15.27 19.81 6.83
CA LYS B 74 15.36 20.49 5.55
C LYS B 74 16.71 20.29 4.89
N SER B 75 17.78 20.12 5.70
CA SER B 75 19.12 20.10 5.15
C SER B 75 19.42 18.82 4.39
N SER B 76 18.91 17.69 4.87
CA SER B 76 19.08 16.42 4.21
C SER B 76 17.89 16.06 3.33
N THR B 77 16.94 16.99 3.15
CA THR B 77 15.68 16.80 2.41
C THR B 77 15.09 15.44 2.67
N THR B 78 14.99 15.11 3.95
CA THR B 78 14.52 13.80 4.40
C THR B 78 13.47 13.99 5.48
N ALA B 79 12.42 13.16 5.41
CA ALA B 79 11.41 13.04 6.44
C ALA B 79 11.59 11.73 7.17
N TYR B 80 11.15 11.68 8.43
CA TYR B 80 11.33 10.50 9.27
C TYR B 80 10.04 10.16 10.00
N MET B 81 9.83 8.88 10.21
CA MET B 81 8.76 8.42 11.09
C MET B 81 9.34 7.46 12.11
N GLN B 82 9.21 7.82 13.38
CA GLN B 82 9.56 6.91 14.48
C GLN B 82 8.30 6.22 14.97
N LEU B 83 8.33 4.91 15.02
CA LEU B 83 7.26 4.12 15.62
C LEU B 83 7.80 3.47 16.90
N SER B 84 7.13 3.69 18.01
CA SER B 84 7.61 3.21 19.30
C SER B 84 6.72 2.10 19.84
N SER B 85 7.27 1.35 20.80
CA SER B 85 6.52 0.33 21.56
C SER B 85 5.84 -0.68 20.64
N LEU B 86 6.63 -1.28 19.76
CA LEU B 86 6.05 -2.10 18.70
C LEU B 86 5.45 -3.39 19.25
N THR B 87 4.30 -3.76 18.69
CA THR B 87 3.66 -5.07 18.85
C THR B 87 3.52 -5.73 17.48
N SER B 88 2.97 -6.94 17.48
CA SER B 88 2.82 -7.69 16.23
C SER B 88 1.84 -7.01 15.29
N GLU B 89 0.89 -6.25 15.83
CA GLU B 89 -0.09 -5.55 15.00
C GLU B 89 0.55 -4.45 14.16
N ASP B 90 1.75 -4.01 14.52
CA ASP B 90 2.50 -3.00 13.76
C ASP B 90 3.29 -3.58 12.60
N SER B 91 3.34 -4.90 12.47
CA SER B 91 3.89 -5.49 11.26
C SER B 91 3.06 -5.06 10.06
N ALA B 92 3.68 -4.34 9.14
CA ALA B 92 2.97 -3.74 8.03
C ALA B 92 4.00 -3.19 7.07
N VAL B 93 3.50 -2.63 5.96
CA VAL B 93 4.29 -1.81 5.06
C VAL B 93 3.96 -0.36 5.36
N TYR B 94 4.99 0.48 5.44
CA TYR B 94 4.83 1.90 5.71
C TYR B 94 5.36 2.71 4.53
N PHE B 95 4.54 3.61 4.02
CA PHE B 95 4.86 4.46 2.88
C PHE B 95 4.97 5.90 3.35
N CYS B 96 5.95 6.63 2.82
CA CYS B 96 5.86 8.08 2.75
C CYS B 96 5.29 8.46 1.39
N VAL B 97 4.57 9.56 1.35
CA VAL B 97 3.94 10.01 0.12
C VAL B 97 3.86 11.53 0.12
N ARG B 98 4.22 12.14 -1.01
CA ARG B 98 4.15 13.60 -1.16
C ARG B 98 2.76 14.06 -1.60
N GLU B 99 2.23 15.07 -0.93
CA GLU B 99 1.04 15.77 -1.40
C GLU B 99 1.47 16.87 -2.38
N GLY B 100 0.93 16.85 -3.59
CA GLY B 100 1.32 17.79 -4.62
C GLY B 100 0.59 19.13 -4.50
N LEU B 101 0.73 19.93 -5.56
CA LEU B 101 0.13 21.27 -5.64
C LEU B 101 -1.00 21.22 -6.65
N GLY B 102 -2.23 21.43 -6.18
CA GLY B 102 -3.34 21.21 -7.10
C GLY B 102 -3.54 19.75 -7.47
N ILE B 103 -2.94 18.84 -6.72
CA ILE B 103 -3.05 17.41 -6.99
C ILE B 103 -2.62 16.70 -5.70
N THR B 104 -2.97 15.42 -5.56
CA THR B 104 -2.86 14.74 -4.27
C THR B 104 -1.63 13.83 -4.22
N PHE B 105 -1.82 12.51 -4.02
CA PHE B 105 -0.70 11.63 -3.69
C PHE B 105 -0.07 11.10 -4.98
N GLU B 106 0.66 11.98 -5.67
CA GLU B 106 1.20 11.63 -6.97
C GLU B 106 2.47 10.79 -6.85
N TYR B 107 3.36 11.11 -5.91
CA TYR B 107 4.66 10.44 -5.80
C TYR B 107 4.79 9.71 -4.46
N TRP B 108 5.16 8.45 -4.51
CA TRP B 108 5.25 7.62 -3.31
C TRP B 108 6.65 7.07 -3.13
N GLY B 109 7.04 6.87 -1.87
CA GLY B 109 8.15 6.01 -1.57
C GLY B 109 7.83 4.56 -1.89
N GLN B 110 8.89 3.76 -1.99
CA GLN B 110 8.68 2.37 -2.37
C GLN B 110 8.10 1.54 -1.22
N GLY B 111 8.06 2.08 -0.01
CA GLY B 111 7.53 1.27 1.08
C GLY B 111 8.61 0.51 1.82
N VAL B 112 8.38 0.33 3.12
CA VAL B 112 9.30 -0.36 4.02
C VAL B 112 8.49 -1.40 4.77
N LYS B 113 8.83 -2.67 4.60
CA LYS B 113 8.16 -3.76 5.30
C LYS B 113 8.75 -3.89 6.70
N VAL B 114 7.94 -3.68 7.73
CA VAL B 114 8.37 -3.81 9.13
C VAL B 114 7.78 -5.10 9.69
N THR B 115 8.65 -5.97 10.20
CA THR B 115 8.23 -7.23 10.83
C THR B 115 8.63 -7.22 12.31
N VAL B 116 7.63 -7.32 13.19
CA VAL B 116 7.83 -7.38 14.63
C VAL B 116 7.67 -8.83 15.10
N SER B 117 8.74 -9.38 15.68
CA SER B 117 8.73 -10.79 16.08
C SER B 117 9.86 -11.05 17.08
N SER B 118 9.67 -12.07 17.89
CA SER B 118 10.73 -12.58 18.76
C SER B 118 11.55 -13.69 18.09
N ALA B 119 11.16 -14.11 16.89
CA ALA B 119 11.80 -15.28 16.28
C ALA B 119 13.29 -15.03 16.04
N GLU B 120 14.07 -16.08 16.24
CA GLU B 120 15.50 -16.05 15.95
C GLU B 120 15.74 -16.43 14.49
N THR B 121 16.77 -15.83 13.90
CA THR B 121 17.17 -16.18 12.55
C THR B 121 17.36 -17.70 12.42
N THR B 122 16.65 -18.30 11.46
CA THR B 122 16.53 -19.76 11.39
C THR B 122 16.55 -20.22 9.95
N ALA B 123 17.49 -21.10 9.61
CA ALA B 123 17.54 -21.71 8.30
C ALA B 123 16.42 -22.76 8.16
N PRO B 124 15.89 -22.92 6.95
CA PRO B 124 14.80 -23.87 6.74
C PRO B 124 15.27 -25.30 6.54
N SER B 125 14.40 -26.23 6.88
CA SER B 125 14.59 -27.62 6.48
C SER B 125 13.93 -27.82 5.12
N VAL B 126 14.59 -28.56 4.23
CA VAL B 126 14.08 -28.72 2.87
C VAL B 126 13.80 -30.19 2.61
N TYR B 127 12.58 -30.49 2.18
CA TYR B 127 12.15 -31.87 2.03
C TYR B 127 11.63 -32.13 0.63
N PRO B 128 12.05 -33.21 0.00
CA PRO B 128 11.50 -33.55 -1.31
C PRO B 128 10.06 -34.03 -1.20
N LEU B 129 9.29 -33.75 -2.25
CA LEU B 129 7.90 -34.15 -2.36
C LEU B 129 7.77 -35.01 -3.61
N ALA B 130 7.65 -36.32 -3.40
CA ALA B 130 7.58 -37.25 -4.51
C ALA B 130 6.30 -38.07 -4.42
N PRO B 131 5.67 -38.41 -5.54
CA PRO B 131 4.42 -39.18 -5.51
C PRO B 131 4.64 -40.62 -5.04
N SER B 139 0.10 -39.04 -17.40
CA SER B 139 1.43 -39.07 -18.01
C SER B 139 2.22 -37.79 -17.73
N MET B 140 1.65 -36.91 -16.92
CA MET B 140 2.37 -35.74 -16.40
C MET B 140 2.57 -35.91 -14.89
N VAL B 141 3.76 -35.56 -14.42
CA VAL B 141 4.15 -35.79 -13.03
C VAL B 141 4.34 -34.46 -12.33
N THR B 142 3.74 -34.30 -11.15
CA THR B 142 3.97 -33.15 -10.30
C THR B 142 4.88 -33.54 -9.15
N LEU B 143 5.96 -32.78 -8.97
CA LEU B 143 6.86 -32.92 -7.85
C LEU B 143 6.95 -31.58 -7.11
N GLY B 144 7.52 -31.63 -5.91
CA GLY B 144 7.67 -30.36 -5.22
C GLY B 144 8.77 -30.47 -4.18
N CYS B 145 8.96 -29.38 -3.46
CA CYS B 145 9.70 -29.48 -2.23
C CYS B 145 9.10 -28.52 -1.22
N LEU B 146 9.33 -28.88 0.04
CA LEU B 146 8.76 -28.21 1.19
C LEU B 146 9.88 -27.50 1.93
N VAL B 147 9.71 -26.20 2.14
CA VAL B 147 10.71 -25.36 2.75
C VAL B 147 10.15 -24.94 4.10
N LYS B 148 10.50 -25.64 5.17
CA LYS B 148 9.77 -25.57 6.42
C LYS B 148 10.62 -24.93 7.54
N GLY B 149 9.97 -24.12 8.36
CA GLY B 149 10.58 -23.56 9.56
C GLY B 149 11.77 -22.63 9.33
N TYR B 150 11.56 -21.51 8.67
CA TYR B 150 12.64 -20.55 8.46
C TYR B 150 12.20 -19.16 8.88
N PHE B 151 13.21 -18.32 9.09
CA PHE B 151 13.02 -16.92 9.48
C PHE B 151 14.34 -16.18 9.27
N PRO B 152 14.27 -14.94 8.74
CA PRO B 152 13.03 -14.32 8.26
C PRO B 152 12.81 -14.55 6.78
N GLU B 153 11.78 -13.90 6.22
CA GLU B 153 11.59 -13.83 4.78
C GLU B 153 12.71 -13.02 4.15
N PRO B 154 13.10 -13.37 2.92
CA PRO B 154 12.53 -14.46 2.13
C PRO B 154 13.51 -15.58 1.84
N VAL B 155 12.99 -16.66 1.26
CA VAL B 155 13.80 -17.67 0.62
C VAL B 155 13.58 -17.55 -0.89
N THR B 156 14.42 -18.25 -1.65
CA THR B 156 14.29 -18.31 -3.10
C THR B 156 14.41 -19.76 -3.54
N VAL B 157 13.54 -20.15 -4.46
CA VAL B 157 13.46 -21.53 -4.95
C VAL B 157 13.65 -21.52 -6.45
N THR B 158 14.49 -22.43 -6.95
CA THR B 158 14.56 -22.69 -8.38
C THR B 158 14.55 -24.19 -8.60
N TRP B 159 14.20 -24.58 -9.81
CA TRP B 159 14.27 -25.97 -10.21
C TRP B 159 15.34 -26.12 -11.29
N ASN B 160 16.31 -27.00 -11.04
CA ASN B 160 17.45 -27.24 -11.91
C ASN B 160 18.14 -25.92 -12.28
N SER B 161 18.37 -25.10 -11.25
CA SER B 161 19.06 -23.82 -11.32
C SER B 161 18.38 -22.84 -12.24
N GLY B 162 17.12 -23.10 -12.60
CA GLY B 162 16.39 -22.25 -13.53
C GLY B 162 16.07 -22.91 -14.84
N ALA B 163 16.70 -24.06 -15.15
CA ALA B 163 16.37 -24.76 -16.39
C ALA B 163 14.91 -25.22 -16.41
N LEU B 164 14.26 -25.30 -15.27
CA LEU B 164 12.82 -25.53 -15.19
C LEU B 164 12.15 -24.27 -14.67
N SER B 165 11.17 -23.75 -15.43
CA SER B 165 10.49 -22.53 -15.03
C SER B 165 9.03 -22.49 -15.45
N SER B 166 8.71 -23.01 -16.65
CA SER B 166 7.38 -22.80 -17.18
C SER B 166 6.31 -23.60 -16.44
N GLY B 167 6.67 -24.68 -15.76
CA GLY B 167 5.69 -25.46 -15.00
C GLY B 167 5.84 -25.37 -13.50
N VAL B 168 6.45 -24.28 -13.03
CA VAL B 168 6.77 -24.07 -11.63
C VAL B 168 5.70 -23.21 -10.99
N HIS B 169 5.33 -23.55 -9.75
CA HIS B 169 4.50 -22.70 -8.90
C HIS B 169 5.14 -22.62 -7.53
N THR B 170 5.55 -21.41 -7.15
CA THR B 170 6.06 -21.15 -5.81
C THR B 170 4.99 -20.40 -5.05
N PHE B 171 4.62 -20.90 -3.90
CA PHE B 171 3.47 -20.35 -3.20
C PHE B 171 3.90 -19.39 -2.09
N PRO B 172 3.05 -18.44 -1.71
CA PRO B 172 3.40 -17.54 -0.61
C PRO B 172 3.58 -18.30 0.69
N ALA B 173 4.55 -17.87 1.50
CA ALA B 173 4.80 -18.58 2.74
C ALA B 173 3.66 -18.37 3.72
N VAL B 174 3.53 -19.32 4.64
CA VAL B 174 2.55 -19.20 5.72
C VAL B 174 3.32 -19.16 7.04
N LEU B 175 2.78 -18.40 7.99
CA LEU B 175 3.41 -18.26 9.30
C LEU B 175 2.92 -19.40 10.18
N GLN B 176 3.83 -20.27 10.58
CA GLN B 176 3.54 -21.47 11.37
C GLN B 176 4.25 -21.30 12.71
N SER B 177 3.48 -20.93 13.73
CA SER B 177 3.99 -20.41 15.01
C SER B 177 4.66 -19.08 14.69
N GLY B 178 5.94 -18.89 14.98
CA GLY B 178 6.67 -17.72 14.57
C GLY B 178 7.59 -17.95 13.39
N LEU B 179 7.55 -19.11 12.77
CA LEU B 179 8.38 -19.41 11.62
C LEU B 179 7.55 -19.47 10.34
N TYR B 180 8.24 -19.34 9.20
CA TYR B 180 7.60 -19.35 7.89
C TYR B 180 7.75 -20.71 7.25
N THR B 181 6.76 -21.08 6.44
CA THR B 181 6.80 -22.31 5.69
C THR B 181 6.30 -22.07 4.27
N LEU B 182 7.00 -22.63 3.29
CA LEU B 182 6.69 -22.38 1.89
C LEU B 182 6.80 -23.67 1.11
N THR B 183 6.03 -23.79 0.03
CA THR B 183 6.14 -24.94 -0.85
C THR B 183 6.30 -24.45 -2.29
N SER B 184 6.87 -25.33 -3.12
CA SER B 184 7.02 -25.07 -4.55
C SER B 184 6.81 -26.37 -5.29
N SER B 185 6.14 -26.29 -6.44
CA SER B 185 5.86 -27.47 -7.23
C SER B 185 6.40 -27.27 -8.65
N VAL B 186 6.63 -28.38 -9.34
CA VAL B 186 7.03 -28.37 -10.75
C VAL B 186 6.38 -29.57 -11.42
N THR B 187 5.98 -29.39 -12.69
CA THR B 187 5.32 -30.44 -13.45
C THR B 187 6.16 -30.77 -14.67
N VAL B 188 6.46 -32.05 -14.86
CA VAL B 188 7.28 -32.52 -15.97
C VAL B 188 6.64 -33.76 -16.58
N PRO B 189 7.00 -34.10 -17.81
CA PRO B 189 6.47 -35.33 -18.41
C PRO B 189 6.91 -36.56 -17.64
N SER B 190 6.05 -37.59 -17.67
CA SER B 190 6.41 -38.87 -17.06
C SER B 190 7.69 -39.43 -17.64
N SER B 191 7.89 -39.26 -18.95
CA SER B 191 9.14 -39.72 -19.57
C SER B 191 10.33 -38.97 -18.98
N THR B 192 10.17 -37.67 -18.76
CA THR B 192 11.25 -36.89 -18.17
C THR B 192 11.54 -37.36 -16.76
N TRP B 193 10.49 -37.62 -15.98
CA TRP B 193 10.64 -38.06 -14.60
C TRP B 193 11.51 -39.32 -14.51
N SER B 194 11.26 -40.30 -15.39
CA SER B 194 11.99 -41.55 -15.29
C SER B 194 13.41 -41.46 -15.86
N SER B 195 13.65 -40.58 -16.83
CA SER B 195 14.93 -40.59 -17.52
C SER B 195 15.89 -39.48 -17.08
N GLN B 196 15.40 -38.42 -16.44
CA GLN B 196 16.22 -37.23 -16.20
C GLN B 196 15.97 -36.70 -14.80
N ALA B 197 16.99 -36.04 -14.24
CA ALA B 197 17.00 -35.58 -12.86
C ALA B 197 16.23 -34.26 -12.70
N VAL B 198 15.53 -34.14 -11.56
CA VAL B 198 14.80 -32.93 -11.16
C VAL B 198 15.23 -32.59 -9.74
N THR B 199 15.71 -31.37 -9.54
CA THR B 199 16.31 -30.92 -8.29
C THR B 199 15.77 -29.54 -7.96
N CYS B 200 15.31 -29.36 -6.72
CA CYS B 200 14.92 -28.02 -6.29
C CYS B 200 16.10 -27.38 -5.56
N ASN B 201 16.39 -26.13 -5.93
CA ASN B 201 17.48 -25.37 -5.34
C ASN B 201 16.87 -24.31 -4.42
N VAL B 202 17.24 -24.36 -3.14
CA VAL B 202 16.66 -23.48 -2.12
C VAL B 202 17.75 -22.62 -1.52
N ALA B 203 17.52 -21.32 -1.47
CA ALA B 203 18.47 -20.37 -0.92
C ALA B 203 17.77 -19.51 0.12
N HIS B 204 18.42 -19.33 1.27
CA HIS B 204 17.93 -18.45 2.34
C HIS B 204 19.02 -17.43 2.60
N PRO B 205 18.87 -16.18 2.13
CA PRO B 205 19.95 -15.19 2.30
C PRO B 205 20.29 -14.91 3.76
N ALA B 206 19.28 -14.67 4.60
CA ALA B 206 19.53 -14.25 5.98
C ALA B 206 20.06 -15.38 6.85
N SER B 207 20.83 -16.30 6.27
CA SER B 207 21.48 -17.36 7.04
C SER B 207 22.54 -18.04 6.18
N SER B 208 22.86 -17.44 5.03
CA SER B 208 23.92 -17.94 4.14
C SER B 208 23.71 -19.42 3.82
N THR B 209 22.46 -19.77 3.54
CA THR B 209 22.06 -21.15 3.30
C THR B 209 21.73 -21.36 1.83
N LYS B 210 22.15 -22.50 1.28
CA LYS B 210 21.82 -22.87 -0.09
C LYS B 210 21.80 -24.39 -0.18
N VAL B 211 20.66 -24.95 -0.57
CA VAL B 211 20.43 -26.40 -0.51
C VAL B 211 20.03 -26.91 -1.89
N ASP B 212 20.40 -28.15 -2.18
CA ASP B 212 19.97 -28.88 -3.36
C ASP B 212 19.30 -30.17 -2.93
N LYS B 213 18.05 -30.38 -3.36
CA LYS B 213 17.29 -31.58 -3.03
C LYS B 213 16.86 -32.25 -4.32
N LYS B 214 17.55 -33.32 -4.71
CA LYS B 214 17.15 -34.09 -5.87
C LYS B 214 15.90 -34.89 -5.51
N ILE B 215 14.89 -34.82 -6.37
CA ILE B 215 13.63 -35.51 -6.13
C ILE B 215 13.76 -36.91 -6.71
N VAL B 216 13.87 -37.91 -5.85
CA VAL B 216 14.06 -39.30 -6.27
C VAL B 216 12.76 -40.04 -5.97
N PRO B 217 12.33 -40.98 -6.82
CA PRO B 217 11.15 -41.81 -6.51
C PRO B 217 11.31 -42.57 -5.18
N ASP C 2 0.98 27.90 7.82
CA ASP C 2 0.45 26.75 8.54
C ASP C 2 0.95 25.42 7.95
N ARG C 3 0.48 25.11 6.73
CA ARG C 3 0.93 23.95 6.00
C ARG C 3 0.96 24.32 4.52
N ALA C 4 1.51 23.41 3.70
CA ALA C 4 1.55 23.63 2.25
C ALA C 4 0.29 23.11 1.55
N GLY C 5 -0.27 21.99 1.97
CA GLY C 5 -1.35 21.32 1.27
C GLY C 5 -2.72 21.56 1.90
N ARG C 6 -3.66 20.64 1.63
CA ARG C 6 -5.03 20.80 2.10
C ARG C 6 -5.72 19.46 2.36
N MET C 7 -5.12 18.35 1.94
CA MET C 7 -5.74 17.03 2.14
C MET C 7 -6.01 16.79 3.62
N GLY C 8 -7.21 16.30 3.90
CA GLY C 8 -7.67 16.17 5.26
C GLY C 8 -8.43 17.39 5.77
N GLY C 9 -8.40 18.49 5.04
CA GLY C 9 -9.14 19.68 5.43
C GLY C 9 -8.36 20.54 6.41
N GLU C 10 -8.90 21.73 6.66
CA GLU C 10 -8.26 22.66 7.58
C GLU C 10 -8.20 22.08 8.99
N ALA C 11 -9.34 21.59 9.50
CA ALA C 11 -9.44 20.99 10.83
C ALA C 11 -9.93 19.56 10.65
N PRO C 12 -9.03 18.59 10.50
CA PRO C 12 -9.47 17.22 10.22
C PRO C 12 -10.31 16.68 11.36
N GLU C 13 -11.34 15.92 10.99
CA GLU C 13 -12.24 15.24 11.91
C GLU C 13 -13.08 16.20 12.75
N LEU C 14 -13.05 17.49 12.46
CA LEU C 14 -13.84 18.47 13.19
C LEU C 14 -15.11 18.81 12.42
N ALA C 15 -16.21 18.98 13.14
CA ALA C 15 -17.44 19.43 12.52
C ALA C 15 -17.34 20.91 12.14
N LEU C 16 -17.81 21.23 10.93
CA LEU C 16 -17.77 22.58 10.40
C LEU C 16 -19.17 23.00 9.95
N ASP C 17 -19.42 24.32 10.00
CA ASP C 17 -20.66 24.84 9.46
C ASP C 17 -20.53 25.05 7.95
N PRO C 18 -21.64 24.88 7.20
CA PRO C 18 -21.53 25.17 5.77
C PRO C 18 -21.55 26.67 5.46
N LYS C 26 -14.80 37.58 8.38
CA LYS C 26 -14.00 36.36 8.43
C LYS C 26 -13.65 35.85 7.03
N LYS C 27 -14.43 36.27 6.02
CA LYS C 27 -14.12 35.91 4.64
C LYS C 27 -12.74 36.39 4.21
N LEU C 28 -12.15 37.31 4.97
CA LEU C 28 -10.81 37.78 4.69
C LEU C 28 -9.80 36.63 4.72
N SER C 29 -9.98 35.68 5.65
CA SER C 29 -9.01 34.60 5.81
C SER C 29 -8.88 33.77 4.53
N GLU C 30 -9.96 33.65 3.76
CA GLU C 30 -9.89 32.90 2.50
C GLU C 30 -9.23 33.71 1.41
N SER C 31 -9.61 34.99 1.28
CA SER C 31 -9.02 35.83 0.25
C SER C 31 -7.54 36.07 0.51
N LEU C 32 -7.11 36.01 1.77
CA LEU C 32 -5.69 36.17 2.07
C LEU C 32 -4.85 35.10 1.38
N LYS C 33 -5.26 33.84 1.50
CA LYS C 33 -4.52 32.78 0.85
C LYS C 33 -4.74 32.75 -0.66
N ARG C 34 -5.83 33.35 -1.15
CA ARG C 34 -5.97 33.53 -2.59
C ARG C 34 -4.90 34.48 -3.13
N ILE C 35 -4.76 35.65 -2.52
CA ILE C 35 -3.68 36.53 -2.94
C ILE C 35 -2.34 35.85 -2.74
N GLY C 36 -2.24 34.99 -1.72
CA GLY C 36 -1.01 34.26 -1.51
C GLY C 36 -0.72 33.28 -2.64
N ASP C 37 -1.75 32.61 -3.14
CA ASP C 37 -1.58 31.73 -4.29
C ASP C 37 -1.14 32.54 -5.51
N GLU C 38 -1.71 33.73 -5.70
CA GLU C 38 -1.31 34.54 -6.84
C GLU C 38 0.15 34.97 -6.70
N LEU C 39 0.53 35.48 -5.52
CA LEU C 39 1.91 35.88 -5.33
C LEU C 39 2.86 34.71 -5.54
N ASP C 40 2.49 33.52 -5.05
CA ASP C 40 3.29 32.32 -5.33
C ASP C 40 3.49 32.08 -6.81
N SER C 41 2.53 32.49 -7.63
CA SER C 41 2.57 32.23 -9.07
C SER C 41 3.31 33.32 -9.83
N ASN C 42 3.83 34.32 -9.11
CA ASN C 42 4.80 35.28 -9.63
C ASN C 42 6.15 34.84 -9.05
N MET C 43 6.90 34.07 -9.83
CA MET C 43 7.93 33.21 -9.25
C MET C 43 9.17 34.01 -8.81
N GLU C 44 9.64 34.93 -9.64
CA GLU C 44 10.81 35.74 -9.28
C GLU C 44 10.64 36.38 -7.92
N LEU C 45 9.42 36.71 -7.55
CA LEU C 45 9.09 37.11 -6.20
C LEU C 45 9.26 35.93 -5.24
N GLU C 59 16.83 37.63 11.09
CA GLU C 59 17.16 38.96 11.59
C GLU C 59 16.80 40.05 10.59
N VAL C 60 16.69 39.69 9.31
CA VAL C 60 16.35 40.64 8.26
C VAL C 60 14.82 40.79 8.19
N PHE C 61 14.12 40.23 9.18
CA PHE C 61 12.67 40.35 9.28
C PHE C 61 12.24 41.77 9.66
N PHE C 62 12.46 42.15 10.92
CA PHE C 62 12.08 43.49 11.35
C PHE C 62 12.86 44.55 10.58
N ARG C 63 14.06 44.21 10.11
CA ARG C 63 14.80 45.12 9.24
C ARG C 63 14.03 45.39 7.94
N VAL C 64 13.41 44.36 7.36
CA VAL C 64 12.57 44.57 6.20
C VAL C 64 11.17 45.01 6.60
N ALA C 65 10.65 44.46 7.71
CA ALA C 65 9.28 44.79 8.14
C ALA C 65 9.15 46.22 8.59
N ALA C 66 10.02 46.66 9.51
CA ALA C 66 10.03 48.06 9.87
C ALA C 66 10.46 48.96 8.72
N ASP C 67 11.06 48.39 7.67
CA ASP C 67 11.29 49.16 6.45
C ASP C 67 10.00 49.35 5.66
N MET C 68 9.08 48.40 5.74
CA MET C 68 7.85 48.49 4.95
C MET C 68 6.90 49.54 5.49
N PHE C 69 7.08 49.99 6.72
CA PHE C 69 6.11 50.89 7.35
C PHE C 69 6.75 52.14 7.94
N SER C 70 8.05 52.35 7.71
CA SER C 70 8.75 53.44 8.37
C SER C 70 8.38 54.81 7.81
N ASP C 71 8.07 54.90 6.50
CA ASP C 71 7.77 56.23 5.95
C ASP C 71 6.42 56.74 6.38
N GLY C 72 5.65 55.93 7.10
CA GLY C 72 4.40 56.36 7.69
C GLY C 72 3.32 56.65 6.69
N ASN C 73 3.45 56.12 5.48
CA ASN C 73 2.41 56.26 4.45
C ASN C 73 1.85 54.86 4.22
N PHE C 74 1.05 54.39 5.17
CA PHE C 74 0.51 53.05 5.13
C PHE C 74 -0.48 52.90 3.98
N ASN C 75 -0.55 51.69 3.42
CA ASN C 75 -1.66 51.35 2.54
C ASN C 75 -1.95 49.86 2.73
N TRP C 76 -3.14 49.44 2.30
CA TRP C 76 -3.52 48.05 2.56
C TRP C 76 -2.60 47.07 1.85
N GLY C 77 -2.03 47.46 0.70
CA GLY C 77 -1.07 46.61 0.02
C GLY C 77 0.13 46.23 0.89
N ARG C 78 0.61 47.18 1.71
CA ARG C 78 1.77 46.88 2.56
C ARG C 78 1.42 45.94 3.70
N VAL C 79 0.19 46.02 4.22
CA VAL C 79 -0.24 45.05 5.22
C VAL C 79 -0.13 43.64 4.64
N VAL C 80 -0.78 43.43 3.49
CA VAL C 80 -0.71 42.16 2.77
C VAL C 80 0.73 41.73 2.54
N ALA C 81 1.60 42.67 2.18
CA ALA C 81 2.98 42.32 1.88
C ALA C 81 3.75 41.87 3.11
N LEU C 82 3.33 42.31 4.30
CA LEU C 82 4.00 41.86 5.50
C LEU C 82 3.69 40.40 5.81
N PHE C 83 2.43 39.98 5.65
CA PHE C 83 2.07 38.59 5.88
C PHE C 83 2.78 37.65 4.94
N TYR C 84 3.08 38.10 3.73
CA TYR C 84 3.89 37.30 2.84
C TYR C 84 5.37 37.24 3.32
N PHE C 85 5.57 37.80 4.51
CA PHE C 85 6.71 37.52 5.39
C PHE C 85 6.29 36.84 6.68
N ALA C 86 4.99 36.77 6.99
CA ALA C 86 4.50 36.23 8.26
C ALA C 86 3.92 34.84 8.12
N SER C 87 2.92 34.64 7.25
CA SER C 87 2.44 33.29 6.97
C SER C 87 3.48 32.48 6.21
N LYS C 88 4.37 33.16 5.48
CA LYS C 88 5.48 32.54 4.77
C LYS C 88 6.32 31.61 5.65
N PHE C 112 2.17 44.45 17.13
CA PHE C 112 2.61 45.45 16.16
C PHE C 112 1.41 46.15 15.54
N LEU C 113 0.36 45.37 15.30
CA LEU C 113 -0.89 45.92 14.78
C LEU C 113 -1.40 47.05 15.68
N ARG C 114 -1.28 46.88 17.00
CA ARG C 114 -1.68 47.93 17.92
C ARG C 114 -0.68 49.09 17.89
N GLU C 115 0.59 48.79 18.12
CA GLU C 115 1.58 49.85 18.38
C GLU C 115 2.02 50.61 17.13
N ARG C 116 1.26 50.51 16.03
CA ARG C 116 1.66 51.21 14.82
C ARG C 116 0.50 51.40 13.85
N LEU C 117 -0.19 50.32 13.52
CA LEU C 117 -1.17 50.30 12.45
C LEU C 117 -2.59 50.58 12.93
N LEU C 118 -2.87 50.37 14.21
CA LEU C 118 -4.26 50.36 14.68
C LEU C 118 -4.95 51.68 14.41
N GLY C 119 -4.27 52.80 14.67
CA GLY C 119 -4.87 54.10 14.40
C GLY C 119 -5.19 54.30 12.92
N TRP C 120 -4.29 53.86 12.04
CA TRP C 120 -4.58 53.96 10.61
C TRP C 120 -5.77 53.09 10.22
N ILE C 121 -5.88 51.90 10.80
CA ILE C 121 -6.98 51.00 10.45
C ILE C 121 -8.31 51.59 10.86
N GLN C 122 -8.41 52.15 12.07
CA GLN C 122 -9.68 52.72 12.50
C GLN C 122 -10.00 54.00 11.75
N ASP C 123 -8.99 54.72 11.27
CA ASP C 123 -9.23 55.81 10.33
C ASP C 123 -9.65 55.31 8.96
N GLN C 124 -9.50 54.01 8.68
CA GLN C 124 -9.93 53.40 7.43
C GLN C 124 -11.32 52.79 7.54
N GLY C 125 -12.01 52.96 8.67
CA GLY C 125 -13.30 52.32 8.86
C GLY C 125 -13.21 50.87 9.25
N GLY C 126 -12.11 50.45 9.89
CA GLY C 126 -11.92 49.06 10.23
C GLY C 126 -11.53 48.24 9.00
N TRP C 127 -11.63 46.92 9.15
CA TRP C 127 -11.28 46.02 8.06
C TRP C 127 -12.24 46.10 6.88
N ASP C 128 -13.34 46.86 7.01
CA ASP C 128 -14.13 47.19 5.83
C ASP C 128 -13.28 47.87 4.77
N GLY C 129 -12.11 48.41 5.13
CA GLY C 129 -11.24 49.00 4.16
C GLY C 129 -10.47 47.96 3.35
N LEU C 130 -9.92 46.95 4.03
CA LEU C 130 -9.09 45.97 3.33
C LEU C 130 -9.91 45.10 2.39
N LEU C 131 -11.11 44.68 2.82
CA LEU C 131 -11.95 43.90 1.93
C LEU C 131 -12.47 44.77 0.78
N SER C 132 -12.77 46.04 1.05
CA SER C 132 -13.05 46.96 -0.05
C SER C 132 -11.82 47.23 -0.89
N TYR C 133 -10.62 47.07 -0.32
CA TYR C 133 -9.38 47.23 -1.10
C TYR C 133 -9.27 46.15 -2.16
N PHE C 134 -9.50 44.89 -1.79
CA PHE C 134 -9.57 43.83 -2.78
C PHE C 134 -10.71 44.07 -3.77
N GLY C 135 -11.74 44.80 -3.34
CA GLY C 135 -12.90 45.09 -4.18
C GLY C 135 -12.62 46.04 -5.32
N THR C 136 -12.47 47.34 -5.02
CA THR C 136 -12.19 48.31 -6.07
C THR C 136 -10.76 48.17 -6.58
N GLY C 137 -10.42 46.99 -7.05
CA GLY C 137 -9.12 46.71 -7.63
C GLY C 137 -9.13 45.36 -8.32
N THR C 138 -8.28 45.20 -9.33
CA THR C 138 -8.15 43.92 -10.00
C THR C 138 -7.50 42.91 -9.06
N TRP C 139 -7.88 41.64 -9.21
CA TRP C 139 -7.08 40.56 -8.63
C TRP C 139 -5.62 40.74 -9.03
N GLN C 140 -5.40 41.03 -10.31
CA GLN C 140 -4.04 41.15 -10.82
C GLN C 140 -3.39 42.44 -10.38
N THR C 141 -4.15 43.55 -10.36
CA THR C 141 -3.58 44.82 -9.94
C THR C 141 -3.13 44.76 -8.48
N VAL C 142 -3.99 44.24 -7.61
CA VAL C 142 -3.62 44.11 -6.19
C VAL C 142 -2.40 43.23 -6.06
N THR C 143 -2.40 42.07 -6.74
CA THR C 143 -1.26 41.17 -6.63
C THR C 143 0.01 41.83 -7.12
N ILE C 144 -0.04 42.53 -8.26
CA ILE C 144 1.17 43.16 -8.80
C ILE C 144 1.66 44.25 -7.87
N PHE C 145 0.75 44.99 -7.25
CA PHE C 145 1.19 46.05 -6.35
C PHE C 145 1.89 45.47 -5.13
N VAL C 146 1.30 44.44 -4.51
CA VAL C 146 1.89 43.84 -3.33
C VAL C 146 3.25 43.21 -3.66
N ALA C 147 3.37 42.61 -4.85
CA ALA C 147 4.66 42.11 -5.29
C ALA C 147 5.68 43.22 -5.37
N GLY C 148 5.30 44.36 -5.94
CA GLY C 148 6.18 45.52 -5.96
C GLY C 148 6.69 45.89 -4.58
N VAL C 149 5.80 45.94 -3.60
CA VAL C 149 6.19 46.30 -2.23
C VAL C 149 7.26 45.34 -1.71
N LEU C 150 7.12 44.04 -2.00
CA LEU C 150 8.12 43.07 -1.60
C LEU C 150 9.39 43.19 -2.43
N THR C 151 9.26 43.47 -3.74
CA THR C 151 10.43 43.64 -4.60
C THR C 151 11.35 44.75 -4.10
N ALA C 152 10.78 45.84 -3.60
CA ALA C 152 11.56 46.94 -3.03
C ALA C 152 11.85 46.75 -1.55
N SER C 153 12.13 45.53 -1.11
CA SER C 153 12.48 45.29 0.28
C SER C 153 13.14 43.91 0.41
C1 EDO D . -0.60 3.95 -16.57
O1 EDO D . 0.53 3.83 -15.70
C2 EDO D . -1.45 2.68 -16.55
O2 EDO D . -2.44 2.75 -15.51
C1 EDO E . -8.52 -5.71 -0.95
O1 EDO E . -7.25 -6.35 -0.76
C2 EDO E . -9.35 -6.52 -1.93
O2 EDO E . -9.99 -7.61 -1.28
C1 EDO F . -2.48 -5.62 -3.73
O1 EDO F . -1.58 -5.30 -2.67
C2 EDO F . -1.72 -6.30 -4.88
O2 EDO F . -2.53 -6.35 -6.06
O1 PG4 G . -14.66 22.43 -7.72
C1 PG4 G . -14.99 22.27 -9.09
C2 PG4 G . -14.29 21.08 -9.66
O2 PG4 G . -15.18 19.95 -9.58
C3 PG4 G . -14.63 18.67 -10.01
C4 PG4 G . -15.81 17.73 -10.16
O3 PG4 G . -16.34 17.42 -8.89
C5 PG4 G . -17.48 16.55 -8.96
C6 PG4 G . -17.97 16.22 -7.56
O4 PG4 G . -18.62 17.38 -6.99
C7 PG4 G . -19.45 17.05 -5.86
C8 PG4 G . -19.78 18.31 -5.12
O5 PG4 G . -18.57 18.92 -4.69
O1 PG4 H . -16.48 -23.69 -3.01
C1 PG4 H . -16.92 -22.99 -4.17
C2 PG4 H . -16.89 -23.89 -5.33
O2 PG4 H . -18.03 -24.77 -5.29
C3 PG4 H . -18.41 -25.30 -6.59
C4 PG4 H . -19.61 -26.26 -6.42
O3 PG4 H . -20.80 -25.53 -6.56
C5 PG4 H . -21.72 -25.63 -5.45
C6 PG4 H . -22.86 -24.63 -5.62
O4 PG4 H . -22.34 -23.32 -5.96
C7 PG4 H . -22.77 -22.26 -5.09
C8 PG4 H . -22.28 -22.51 -3.68
O5 PG4 H . -20.86 -22.43 -3.64
C1 PGE I . 22.74 -36.01 -9.74
O1 PGE I . 22.23 -36.66 -8.59
C2 PGE I . 21.85 -36.33 -10.92
O2 PGE I . 22.61 -36.29 -12.11
C3 PGE I . 21.95 -36.81 -13.26
C4 PGE I . 21.73 -38.30 -13.07
O4 PGE I . 18.26 -39.53 -12.03
C6 PGE I . 18.26 -39.44 -13.44
C5 PGE I . 19.66 -39.09 -13.90
O3 PGE I . 20.36 -38.54 -12.80
C1 PGE J . 4.94 9.88 -15.30
O1 PGE J . 3.96 10.01 -16.32
C2 PGE J . 5.01 11.17 -14.50
O2 PGE J . 4.25 11.05 -13.31
C3 PGE J . 4.91 10.28 -12.32
C4 PGE J . 3.93 9.86 -11.25
O4 PGE J . 4.34 6.04 -11.24
C6 PGE J . 5.41 6.58 -10.47
C5 PGE J . 5.24 8.08 -10.37
O3 PGE J . 4.06 8.46 -11.05
O1 MES K . 1.77 -5.68 -1.55
C2 MES K . 1.81 -4.24 -1.55
C3 MES K . 2.86 -3.67 -0.58
N4 MES K . 4.08 -4.43 -0.83
C5 MES K . 4.06 -5.89 -0.83
C6 MES K . 2.61 -6.30 -0.59
C7 MES K . 5.35 -3.73 -0.89
C8 MES K . 6.21 -4.37 0.21
S MES K . 7.82 -4.07 -0.04
O1S MES K . 8.08 -2.61 -0.03
O2S MES K . 8.23 -4.63 -1.34
O3S MES K . 8.60 -4.73 1.04
#